data_6T4D
#
_entry.id   6T4D
#
_cell.length_a   57.327
_cell.length_b   79.175
_cell.length_c   94.417
_cell.angle_alpha   90.000
_cell.angle_beta   90.000
_cell.angle_gamma   90.000
#
_symmetry.space_group_name_H-M   'C 2 2 21'
#
loop_
_entity.id
_entity.type
_entity.pdbx_description
1 polymer Morn1
2 non-polymer 'ZINC ION'
3 water water
#
_entity_poly.entity_id   1
_entity_poly.type   'polypeptide(L)'
_entity_poly.pdbx_seq_one_letter_code
;AETYEGDWVDGKMQGRGTYFFADGGIYEGDWVDGKMEGKGVYKYLNGNKYEGEWINDMKNGYGTLAYVNGELYEGYWKND
KVHGKGTLTYSKGDKYIGEWKYAKKCGEGELIYASGDKFKGQWKNDKANGYGILLYNNGNKYEGEWLDDHRHGMGTFTCK
EDGTIYSGHFQFNRKHGKGTLTFVNGHILQGIWNSGLLEKVINYELTPSSPWNDPDL
;
_entity_poly.pdbx_strand_id   A
#
# COMPACT_ATOMS: atom_id res chain seq x y z
N ALA A 1 -15.11 -12.92 31.34
CA ALA A 1 -15.66 -13.74 30.26
C ALA A 1 -17.00 -13.19 29.82
N GLU A 2 -16.99 -12.45 28.71
CA GLU A 2 -18.14 -11.70 28.22
C GLU A 2 -18.82 -10.92 29.35
N THR A 3 -18.00 -10.25 30.15
CA THR A 3 -18.46 -9.31 31.16
C THR A 3 -18.30 -7.88 30.65
N TYR A 4 -18.71 -6.92 31.47
CA TYR A 4 -18.59 -5.51 31.11
C TYR A 4 -18.42 -4.70 32.38
N GLU A 5 -17.38 -3.85 32.40
CA GLU A 5 -17.05 -3.01 33.55
C GLU A 5 -16.93 -1.57 33.07
N GLY A 6 -18.07 -0.89 33.03
CA GLY A 6 -18.08 0.50 32.59
C GLY A 6 -19.39 1.17 32.94
N ASP A 7 -19.57 2.37 32.40
CA ASP A 7 -20.78 3.14 32.66
C ASP A 7 -21.99 2.50 31.99
N TRP A 8 -23.16 2.71 32.59
CA TRP A 8 -24.40 2.07 32.18
C TRP A 8 -25.51 3.13 32.05
N VAL A 9 -25.35 4.02 31.08
CA VAL A 9 -26.32 5.11 30.90
C VAL A 9 -27.65 4.51 30.45
N ASP A 10 -28.69 4.70 31.26
CA ASP A 10 -30.05 4.26 30.93
C ASP A 10 -30.07 2.77 30.61
N GLY A 11 -29.37 1.99 31.43
CA GLY A 11 -29.35 0.55 31.29
C GLY A 11 -28.77 0.03 29.99
N LYS A 12 -27.94 0.81 29.32
CA LYS A 12 -27.23 0.37 28.13
C LYS A 12 -25.78 0.82 28.21
N MET A 13 -24.89 -0.03 27.69
CA MET A 13 -23.46 0.22 27.73
C MET A 13 -23.10 1.50 27.00
N GLN A 14 -22.92 2.59 27.74
CA GLN A 14 -22.65 3.90 27.17
C GLN A 14 -21.59 4.60 28.01
N GLY A 15 -20.75 5.39 27.35
CA GLY A 15 -19.73 6.15 28.03
C GLY A 15 -18.33 5.61 27.81
N ARG A 16 -17.81 4.87 28.79
CA ARG A 16 -16.50 4.26 28.68
C ARG A 16 -16.46 3.01 29.56
N GLY A 17 -16.08 1.89 28.96
CA GLY A 17 -16.03 0.64 29.69
C GLY A 17 -15.10 -0.35 29.02
N THR A 18 -15.02 -1.54 29.61
CA THR A 18 -14.18 -2.62 29.13
C THR A 18 -15.04 -3.85 28.88
N TYR A 19 -14.80 -4.50 27.74
CA TYR A 19 -15.55 -5.69 27.35
C TYR A 19 -14.59 -6.80 26.96
N PHE A 20 -14.74 -7.95 27.59
CA PHE A 20 -13.97 -9.14 27.27
C PHE A 20 -14.85 -10.04 26.42
N PHE A 21 -14.32 -10.56 25.32
CA PHE A 21 -15.14 -11.28 24.37
C PHE A 21 -14.97 -12.79 24.53
N ALA A 22 -15.97 -13.52 24.00
CA ALA A 22 -16.01 -14.97 24.18
C ALA A 22 -14.91 -15.68 23.43
N ASP A 23 -14.46 -15.11 22.30
CA ASP A 23 -13.34 -15.70 21.56
C ASP A 23 -11.99 -15.29 22.12
N GLY A 24 -11.96 -14.42 23.13
CA GLY A 24 -10.72 -13.96 23.74
C GLY A 24 -10.41 -12.50 23.53
N GLY A 25 -11.12 -11.80 22.63
CA GLY A 25 -10.84 -10.40 22.41
C GLY A 25 -11.27 -9.53 23.58
N ILE A 26 -10.59 -8.39 23.73
CA ILE A 26 -10.87 -7.44 24.80
C ILE A 26 -10.92 -6.03 24.20
N TYR A 27 -11.97 -5.28 24.51
CA TYR A 27 -12.12 -3.91 24.04
C TYR A 27 -12.19 -2.96 25.23
N GLU A 28 -11.45 -1.86 25.14
CA GLU A 28 -11.42 -0.83 26.17
C GLU A 28 -11.52 0.52 25.49
N GLY A 29 -12.66 1.18 25.61
CA GLY A 29 -12.84 2.47 24.98
C GLY A 29 -14.23 3.02 25.20
N ASP A 30 -14.63 3.92 24.32
CA ASP A 30 -15.91 4.60 24.44
C ASP A 30 -17.05 3.73 23.91
N TRP A 31 -18.26 4.02 24.40
CA TRP A 31 -19.45 3.29 24.02
C TRP A 31 -20.61 4.26 23.81
N VAL A 32 -21.46 3.97 22.84
CA VAL A 32 -22.77 4.62 22.72
C VAL A 32 -23.81 3.53 22.44
N ASP A 33 -24.88 3.52 23.22
CA ASP A 33 -26.02 2.63 23.01
C ASP A 33 -25.59 1.18 22.81
N GLY A 34 -24.74 0.70 23.71
CA GLY A 34 -24.21 -0.65 23.61
C GLY A 34 -23.31 -0.90 22.42
N LYS A 35 -23.07 0.11 21.59
CA LYS A 35 -22.19 -0.02 20.43
C LYS A 35 -20.77 0.41 20.81
N MET A 36 -19.79 -0.11 20.07
CA MET A 36 -18.42 0.37 20.19
C MET A 36 -18.27 1.57 19.26
N GLU A 37 -18.27 2.77 19.83
CA GLU A 37 -18.14 4.00 19.06
C GLU A 37 -17.18 4.94 19.77
N GLY A 38 -16.67 5.89 19.03
CA GLY A 38 -15.70 6.85 19.57
C GLY A 38 -14.27 6.34 19.36
N LYS A 39 -13.57 6.08 20.46
CA LYS A 39 -12.21 5.58 20.42
C LYS A 39 -12.08 4.40 21.38
N GLY A 40 -11.11 3.54 21.11
CA GLY A 40 -10.90 2.37 21.95
C GLY A 40 -9.77 1.52 21.43
N VAL A 41 -9.37 0.56 22.28
CA VAL A 41 -8.30 -0.37 21.99
C VAL A 41 -8.87 -1.78 22.02
N TYR A 42 -8.63 -2.54 20.96
CA TYR A 42 -9.06 -3.95 20.89
C TYR A 42 -7.82 -4.83 20.84
N LYS A 43 -7.70 -5.72 21.81
CA LYS A 43 -6.60 -6.68 21.88
C LYS A 43 -7.12 -8.02 21.36
N TYR A 44 -6.63 -8.44 20.21
CA TYR A 44 -7.00 -9.74 19.66
C TYR A 44 -6.31 -10.85 20.45
N LEU A 45 -6.92 -12.04 20.41
CA LEU A 45 -6.31 -13.18 21.10
C LEU A 45 -5.06 -13.67 20.36
N ASN A 46 -4.99 -13.44 19.06
CA ASN A 46 -3.81 -13.86 18.30
C ASN A 46 -2.61 -12.94 18.49
N GLY A 47 -2.75 -11.85 19.27
CA GLY A 47 -1.68 -10.92 19.50
C GLY A 47 -1.81 -9.60 18.78
N ASN A 48 -2.72 -9.51 17.81
CA ASN A 48 -2.94 -8.24 17.11
C ASN A 48 -3.54 -7.21 18.07
N LYS A 49 -3.23 -5.95 17.82
CA LYS A 49 -3.67 -4.87 18.69
C LYS A 49 -4.09 -3.67 17.84
N TYR A 50 -5.30 -3.18 18.07
CA TYR A 50 -5.84 -2.03 17.36
C TYR A 50 -6.08 -0.88 18.33
N GLU A 51 -5.73 0.33 17.90
CA GLU A 51 -6.03 1.55 18.63
C GLU A 51 -6.50 2.61 17.64
N GLY A 52 -7.74 3.04 17.76
CA GLY A 52 -8.23 4.09 16.88
C GLY A 52 -9.73 4.27 17.00
N GLU A 53 -10.31 4.83 15.95
CA GLU A 53 -11.72 5.19 15.92
C GLU A 53 -12.61 3.96 15.79
N TRP A 54 -13.85 4.09 16.24
CA TRP A 54 -14.85 3.04 16.08
C TRP A 54 -16.21 3.68 15.79
N ILE A 55 -16.98 3.02 14.94
CA ILE A 55 -18.36 3.37 14.67
C ILE A 55 -19.15 2.09 14.49
N ASN A 56 -20.17 1.89 15.34
CA ASN A 56 -21.09 0.75 15.23
C ASN A 56 -20.33 -0.58 15.28
N ASP A 57 -19.58 -0.75 16.37
CA ASP A 57 -18.85 -1.98 16.65
C ASP A 57 -17.80 -2.31 15.59
N MET A 58 -17.33 -1.32 14.85
CA MET A 58 -16.39 -1.59 13.77
C MET A 58 -15.41 -0.43 13.64
N LYS A 59 -14.20 -0.75 13.18
CA LYS A 59 -13.18 0.25 12.92
C LYS A 59 -13.62 1.17 11.78
N ASN A 60 -13.88 2.43 12.11
CA ASN A 60 -14.28 3.44 11.13
C ASN A 60 -13.60 4.75 11.50
N GLY A 61 -12.74 5.23 10.61
CA GLY A 61 -11.91 6.38 10.88
C GLY A 61 -10.45 5.99 10.97
N TYR A 62 -9.68 6.84 11.66
CA TYR A 62 -8.25 6.61 11.77
C TYR A 62 -7.95 5.66 12.92
N GLY A 63 -6.98 4.78 12.71
CA GLY A 63 -6.57 3.83 13.72
C GLY A 63 -5.33 3.08 13.28
N THR A 64 -4.66 2.49 14.27
CA THR A 64 -3.43 1.76 14.05
C THR A 64 -3.61 0.29 14.42
N LEU A 65 -2.98 -0.59 13.64
CA LEU A 65 -3.01 -2.03 13.89
C LEU A 65 -1.57 -2.50 14.05
N ALA A 66 -1.21 -2.91 15.26
CA ALA A 66 0.08 -3.53 15.53
C ALA A 66 -0.04 -5.03 15.30
N TYR A 67 0.59 -5.52 14.25
CA TYR A 67 0.49 -6.93 13.90
C TYR A 67 1.48 -7.75 14.74
N VAL A 68 1.29 -9.07 14.70
CA VAL A 68 2.15 -9.97 15.45
C VAL A 68 3.52 -10.09 14.78
N ASN A 69 3.52 -10.34 13.46
CA ASN A 69 4.75 -10.58 12.72
C ASN A 69 5.69 -9.39 12.67
N GLY A 70 5.25 -8.22 13.13
CA GLY A 70 6.05 -7.01 13.12
C GLY A 70 5.51 -5.89 12.27
N GLU A 71 4.56 -6.17 11.39
CA GLU A 71 3.98 -5.13 10.55
C GLU A 71 3.12 -4.17 11.38
N LEU A 72 2.86 -3.00 10.80
CA LEU A 72 2.04 -1.99 11.46
C LEU A 72 1.33 -1.18 10.40
N TYR A 73 0.02 -1.02 10.55
CA TYR A 73 -0.79 -0.18 9.68
C TYR A 73 -1.17 1.09 10.44
N GLU A 74 -1.03 2.23 9.78
CA GLU A 74 -1.44 3.52 10.33
C GLU A 74 -2.24 4.23 9.25
N GLY A 75 -3.56 4.25 9.39
CA GLY A 75 -4.39 4.86 8.38
C GLY A 75 -5.86 4.76 8.73
N TYR A 76 -6.69 4.90 7.71
CA TYR A 76 -8.13 4.96 7.88
C TYR A 76 -8.78 3.61 7.62
N TRP A 77 -9.95 3.41 8.22
CA TRP A 77 -10.68 2.15 8.16
C TRP A 77 -12.14 2.42 7.80
N LYS A 78 -12.74 1.47 7.11
CA LYS A 78 -14.19 1.48 6.86
C LYS A 78 -14.71 0.07 7.02
N ASN A 79 -15.70 -0.09 7.90
CA ASN A 79 -16.35 -1.38 8.13
C ASN A 79 -15.32 -2.47 8.45
N ASP A 80 -14.48 -2.19 9.46
CA ASP A 80 -13.53 -3.14 10.03
C ASP A 80 -12.40 -3.54 9.09
N LYS A 81 -12.28 -2.92 7.91
CA LYS A 81 -11.22 -3.27 6.99
C LYS A 81 -10.46 -2.01 6.55
N VAL A 82 -9.19 -2.23 6.21
CA VAL A 82 -8.32 -1.19 5.66
C VAL A 82 -9.02 -0.51 4.49
N HIS A 83 -9.19 0.80 4.57
CA HIS A 83 -9.93 1.54 3.53
C HIS A 83 -9.55 3.00 3.61
N GLY A 84 -9.08 3.56 2.51
CA GLY A 84 -8.71 4.96 2.45
C GLY A 84 -7.21 5.17 2.45
N LYS A 85 -6.81 6.38 2.86
CA LYS A 85 -5.41 6.74 2.93
C LYS A 85 -4.78 6.11 4.18
N GLY A 86 -3.72 5.33 3.99
CA GLY A 86 -3.09 4.66 5.10
C GLY A 86 -1.65 4.30 4.78
N THR A 87 -0.87 4.11 5.85
CA THR A 87 0.53 3.73 5.75
C THR A 87 0.73 2.35 6.36
N LEU A 88 1.45 1.49 5.65
CA LEU A 88 1.70 0.12 6.09
C LEU A 88 3.20 -0.14 6.08
N THR A 89 3.76 -0.47 7.24
CA THR A 89 5.18 -0.77 7.38
C THR A 89 5.35 -2.29 7.39
N TYR A 90 6.05 -2.81 6.38
CA TYR A 90 6.21 -4.25 6.25
C TYR A 90 7.29 -4.76 7.19
N SER A 91 7.34 -6.09 7.33
CA SER A 91 8.24 -6.70 8.32
C SER A 91 9.70 -6.37 8.05
N LYS A 92 10.12 -6.41 6.78
CA LYS A 92 11.55 -6.29 6.48
C LYS A 92 12.03 -4.86 6.31
N GLY A 93 11.13 -3.88 6.22
CA GLY A 93 11.53 -2.50 6.05
C GLY A 93 10.73 -1.75 5.01
N ASP A 94 10.08 -2.49 4.12
CA ASP A 94 9.27 -1.87 3.07
C ASP A 94 8.09 -1.13 3.70
N LYS A 95 7.70 -0.03 3.07
CA LYS A 95 6.59 0.79 3.55
C LYS A 95 5.77 1.30 2.37
N TYR A 96 4.46 1.15 2.47
CA TYR A 96 3.53 1.69 1.49
C TYR A 96 2.80 2.89 2.11
N ILE A 97 2.73 3.98 1.37
CA ILE A 97 2.01 5.18 1.78
C ILE A 97 1.10 5.58 0.63
N GLY A 98 -0.19 5.34 0.78
CA GLY A 98 -1.12 5.66 -0.28
C GLY A 98 -2.53 5.24 0.04
N GLU A 99 -3.31 5.03 -1.01
CA GLU A 99 -4.74 4.77 -0.89
C GLU A 99 -5.02 3.27 -0.84
N TRP A 100 -6.07 2.92 -0.11
CA TRP A 100 -6.54 1.55 0.00
C TRP A 100 -8.04 1.50 -0.27
N LYS A 101 -8.48 0.36 -0.83
CA LYS A 101 -9.90 0.06 -0.96
C LYS A 101 -10.09 -1.42 -0.68
N TYR A 102 -10.81 -1.72 0.40
CA TYR A 102 -11.10 -3.09 0.81
C TYR A 102 -9.81 -3.88 1.06
N ALA A 103 -8.97 -3.32 1.93
CA ALA A 103 -7.76 -3.97 2.44
C ALA A 103 -6.73 -4.26 1.35
N LYS A 104 -6.80 -3.55 0.23
CA LYS A 104 -5.82 -3.73 -0.84
C LYS A 104 -5.47 -2.38 -1.45
N LYS A 105 -4.21 -2.23 -1.84
CA LYS A 105 -3.73 -1.01 -2.48
C LYS A 105 -4.50 -0.77 -3.78
N CYS A 106 -5.28 0.32 -3.81
CA CYS A 106 -6.05 0.68 -5.00
C CYS A 106 -6.15 2.19 -5.03
N GLY A 107 -5.57 2.80 -6.06
CA GLY A 107 -5.44 4.23 -6.13
C GLY A 107 -3.99 4.65 -6.26
N GLU A 108 -3.67 5.88 -5.88
CA GLU A 108 -2.30 6.37 -5.96
C GLU A 108 -1.59 6.19 -4.63
N GLY A 109 -0.38 5.64 -4.67
CA GLY A 109 0.43 5.46 -3.48
C GLY A 109 1.87 5.25 -3.84
N GLU A 110 2.72 5.24 -2.82
CA GLU A 110 4.15 5.03 -3.00
C GLU A 110 4.63 3.93 -2.08
N LEU A 111 5.52 3.08 -2.60
CA LEU A 111 6.15 2.04 -1.79
C LEU A 111 7.64 2.36 -1.66
N ILE A 112 8.11 2.43 -0.42
CA ILE A 112 9.50 2.70 -0.10
C ILE A 112 10.14 1.36 0.26
N TYR A 113 10.88 0.79 -0.68
CA TYR A 113 11.52 -0.50 -0.44
C TYR A 113 12.72 -0.35 0.50
N ALA A 114 12.97 -1.40 1.28
CA ALA A 114 14.15 -1.43 2.14
C ALA A 114 15.45 -1.50 1.34
N SER A 115 15.37 -1.88 0.07
CA SER A 115 16.54 -1.89 -0.81
C SER A 115 16.94 -0.51 -1.28
N GLY A 116 16.10 0.50 -1.09
CA GLY A 116 16.33 1.84 -1.57
C GLY A 116 15.49 2.24 -2.75
N ASP A 117 14.90 1.27 -3.45
CA ASP A 117 14.01 1.57 -4.57
C ASP A 117 12.73 2.22 -4.07
N LYS A 118 12.22 3.18 -4.83
CA LYS A 118 10.98 3.87 -4.50
C LYS A 118 10.08 3.91 -5.72
N PHE A 119 8.89 3.33 -5.59
CA PHE A 119 7.84 3.45 -6.59
C PHE A 119 6.80 4.45 -6.11
N LYS A 120 6.21 5.18 -7.05
CA LYS A 120 5.05 6.02 -6.75
C LYS A 120 4.22 6.14 -8.01
N GLY A 121 2.94 5.76 -7.91
CA GLY A 121 2.04 5.79 -9.03
C GLY A 121 0.69 5.22 -8.68
N GLN A 122 -0.02 4.68 -9.67
CA GLN A 122 -1.37 4.17 -9.46
C GLN A 122 -1.33 2.67 -9.17
N TRP A 123 -2.14 2.25 -8.21
CA TRP A 123 -2.25 0.85 -7.83
C TRP A 123 -3.67 0.36 -8.09
N LYS A 124 -3.77 -0.87 -8.59
CA LYS A 124 -5.05 -1.53 -8.79
C LYS A 124 -4.92 -2.97 -8.29
N ASN A 125 -5.70 -3.31 -7.28
CA ASN A 125 -5.72 -4.66 -6.69
C ASN A 125 -4.34 -5.08 -6.19
N ASP A 126 -3.80 -4.26 -5.28
CA ASP A 126 -2.59 -4.55 -4.52
C ASP A 126 -1.34 -4.61 -5.38
N LYS A 127 -1.42 -4.23 -6.66
CA LYS A 127 -0.26 -4.24 -7.55
C LYS A 127 -0.21 -2.96 -8.36
N ALA A 128 0.98 -2.69 -8.91
CA ALA A 128 1.16 -1.53 -9.77
C ALA A 128 0.38 -1.72 -11.07
N ASN A 129 -0.53 -0.79 -11.35
CA ASN A 129 -1.34 -0.84 -12.56
C ASN A 129 -1.62 0.59 -12.99
N GLY A 130 -1.19 0.95 -14.19
CA GLY A 130 -1.31 2.30 -14.69
C GLY A 130 0.01 3.03 -14.72
N TYR A 131 -0.07 4.36 -14.65
CA TYR A 131 1.10 5.21 -14.69
C TYR A 131 1.83 5.20 -13.36
N GLY A 132 3.16 5.16 -13.42
CA GLY A 132 3.96 5.17 -12.21
C GLY A 132 5.43 5.39 -12.54
N ILE A 133 6.15 5.85 -11.51
CA ILE A 133 7.58 6.12 -11.63
C ILE A 133 8.31 5.22 -10.63
N LEU A 134 9.32 4.52 -11.11
CA LEU A 134 10.19 3.69 -10.25
C LEU A 134 11.57 4.33 -10.22
N LEU A 135 11.94 4.86 -9.06
CA LEU A 135 13.28 5.43 -8.85
C LEU A 135 14.14 4.31 -8.25
N TYR A 136 15.01 3.73 -9.08
CA TYR A 136 15.85 2.64 -8.63
C TYR A 136 16.91 3.13 -7.65
N ASN A 137 17.49 2.19 -6.91
CA ASN A 137 18.49 2.54 -5.92
C ASN A 137 19.80 3.01 -6.56
N ASN A 138 20.08 2.54 -7.78
CA ASN A 138 21.31 2.90 -8.48
C ASN A 138 21.21 4.24 -9.20
N GLY A 139 20.08 4.94 -9.09
CA GLY A 139 19.86 6.17 -9.81
C GLY A 139 19.05 6.03 -11.08
N ASN A 140 18.87 4.80 -11.58
CA ASN A 140 18.04 4.60 -12.76
C ASN A 140 16.59 4.95 -12.46
N LYS A 141 15.87 5.33 -13.50
CA LYS A 141 14.49 5.77 -13.36
C LYS A 141 13.65 5.23 -14.50
N TYR A 142 12.50 4.65 -14.16
CA TYR A 142 11.52 4.25 -15.16
C TYR A 142 10.23 5.03 -14.90
N GLU A 143 9.73 5.68 -15.94
CA GLU A 143 8.44 6.34 -15.90
C GLU A 143 7.61 5.86 -17.09
N GLY A 144 6.47 5.26 -16.80
CA GLY A 144 5.63 4.73 -17.85
C GLY A 144 4.43 4.00 -17.29
N GLU A 145 3.90 3.08 -18.08
CA GLU A 145 2.70 2.34 -17.70
C GLU A 145 3.08 0.99 -17.11
N TRP A 146 2.31 0.57 -16.11
CA TRP A 146 2.54 -0.68 -15.41
C TRP A 146 1.30 -1.56 -15.51
N LEU A 147 1.53 -2.88 -15.52
CA LEU A 147 0.45 -3.86 -15.45
C LEU A 147 0.87 -4.98 -14.52
N ASP A 148 0.17 -5.11 -13.39
CA ASP A 148 0.40 -6.16 -12.42
C ASP A 148 1.87 -6.22 -12.01
N ASP A 149 2.37 -5.08 -11.53
CA ASP A 149 3.73 -4.91 -11.04
C ASP A 149 4.79 -5.12 -12.12
N HIS A 150 4.39 -5.19 -13.38
CA HIS A 150 5.32 -5.34 -14.50
C HIS A 150 5.29 -4.08 -15.36
N ARG A 151 6.47 -3.63 -15.78
CA ARG A 151 6.54 -2.56 -16.76
C ARG A 151 5.90 -3.06 -18.06
N HIS A 152 4.76 -2.48 -18.42
CA HIS A 152 3.93 -2.99 -19.50
C HIS A 152 3.23 -1.82 -20.18
N GLY A 153 3.40 -1.72 -21.50
CA GLY A 153 2.95 -0.57 -22.24
C GLY A 153 4.11 0.22 -22.81
N MET A 154 4.04 1.55 -22.72
CA MET A 154 5.13 2.41 -23.12
C MET A 154 5.66 3.16 -21.92
N GLY A 155 6.97 3.23 -21.81
CA GLY A 155 7.59 4.00 -20.75
C GLY A 155 8.94 4.54 -21.18
N THR A 156 9.54 5.30 -20.27
CA THR A 156 10.84 5.92 -20.51
C THR A 156 11.81 5.46 -19.44
N PHE A 157 12.87 4.76 -19.86
CA PHE A 157 13.93 4.35 -18.95
C PHE A 157 15.15 5.20 -19.19
N THR A 158 15.68 5.79 -18.12
CA THR A 158 16.89 6.59 -18.17
C THR A 158 17.93 5.96 -17.25
N CYS A 159 19.11 5.69 -17.79
CA CYS A 159 20.16 4.98 -17.07
C CYS A 159 21.11 5.99 -16.45
N LYS A 160 21.28 5.89 -15.13
CA LYS A 160 22.16 6.83 -14.42
C LYS A 160 23.63 6.56 -14.74
N GLU A 161 23.98 5.32 -15.04
CA GLU A 161 25.39 4.96 -15.17
C GLU A 161 26.02 5.54 -16.43
N ASP A 162 25.24 5.66 -17.52
CA ASP A 162 25.79 6.18 -18.76
C ASP A 162 24.90 7.22 -19.44
N GLY A 163 23.74 7.53 -18.88
CA GLY A 163 22.89 8.57 -19.43
C GLY A 163 21.98 8.14 -20.56
N THR A 164 22.07 6.89 -21.02
CA THR A 164 21.24 6.45 -22.13
C THR A 164 19.77 6.42 -21.72
N ILE A 165 18.91 7.00 -22.56
CA ILE A 165 17.48 7.04 -22.33
C ILE A 165 16.81 6.13 -23.34
N TYR A 166 16.06 5.14 -22.86
CA TYR A 166 15.22 4.32 -23.70
C TYR A 166 13.79 4.85 -23.65
N SER A 167 13.17 4.96 -24.82
CA SER A 167 11.77 5.38 -24.93
C SER A 167 11.08 4.47 -25.92
N GLY A 168 10.16 3.64 -25.42
CA GLY A 168 9.48 2.69 -26.28
C GLY A 168 8.53 1.77 -25.56
N HIS A 169 8.30 0.58 -26.13
CA HIS A 169 7.31 -0.36 -25.63
C HIS A 169 7.92 -1.34 -24.65
N PHE A 170 7.11 -1.73 -23.66
CA PHE A 170 7.48 -2.77 -22.69
C PHE A 170 6.37 -3.80 -22.63
N GLN A 171 6.76 -5.07 -22.46
CA GLN A 171 5.81 -6.15 -22.20
C GLN A 171 6.40 -7.08 -21.17
N PHE A 172 5.67 -7.29 -20.07
CA PHE A 172 6.08 -8.19 -18.99
C PHE A 172 7.44 -7.81 -18.43
N ASN A 173 7.58 -6.52 -18.11
CA ASN A 173 8.74 -5.94 -17.44
C ASN A 173 10.00 -5.92 -18.29
N ARG A 174 9.89 -6.15 -19.59
CA ARG A 174 11.06 -6.16 -20.48
C ARG A 174 10.78 -5.33 -21.71
N LYS A 175 11.86 -4.73 -22.24
CA LYS A 175 11.76 -3.98 -23.49
C LYS A 175 11.34 -4.91 -24.62
N HIS A 176 10.25 -4.55 -25.30
CA HIS A 176 9.70 -5.41 -26.34
C HIS A 176 8.85 -4.56 -27.27
N GLY A 177 9.23 -4.49 -28.53
CA GLY A 177 8.53 -3.68 -29.50
C GLY A 177 9.37 -2.53 -30.02
N LYS A 178 8.69 -1.54 -30.57
CA LYS A 178 9.37 -0.36 -31.10
C LYS A 178 9.91 0.50 -29.96
N GLY A 179 11.12 1.02 -30.14
CA GLY A 179 11.74 1.86 -29.14
C GLY A 179 12.93 2.60 -29.71
N THR A 180 13.41 3.58 -28.94
CA THR A 180 14.55 4.39 -29.33
C THR A 180 15.51 4.53 -28.16
N LEU A 181 16.81 4.34 -28.44
CA LEU A 181 17.87 4.62 -27.49
C LEU A 181 18.50 5.97 -27.86
N THR A 182 18.51 6.90 -26.91
CA THR A 182 19.15 8.20 -27.10
C THR A 182 20.37 8.26 -26.20
N PHE A 183 21.55 8.38 -26.80
CA PHE A 183 22.79 8.45 -26.07
C PHE A 183 23.18 9.90 -25.78
N VAL A 184 24.15 10.08 -24.89
CA VAL A 184 24.55 11.42 -24.48
C VAL A 184 25.36 12.14 -25.55
N ASN A 185 25.74 11.45 -26.63
CA ASN A 185 26.38 12.09 -27.77
C ASN A 185 25.37 12.58 -28.80
N GLY A 186 24.10 12.70 -28.42
CA GLY A 186 23.06 13.15 -29.31
C GLY A 186 22.50 12.11 -30.25
N HIS A 187 23.26 11.06 -30.56
CA HIS A 187 22.81 10.05 -31.52
C HIS A 187 21.61 9.28 -30.97
N ILE A 188 20.68 8.96 -31.86
CA ILE A 188 19.45 8.25 -31.50
C ILE A 188 19.39 6.98 -32.36
N LEU A 189 19.27 5.84 -31.69
CA LEU A 189 19.12 4.55 -32.36
C LEU A 189 17.66 4.13 -32.30
N GLN A 190 17.13 3.67 -33.43
CA GLN A 190 15.79 3.10 -33.49
C GLN A 190 15.91 1.59 -33.68
N GLY A 191 15.09 0.84 -32.95
CA GLY A 191 15.21 -0.60 -33.03
C GLY A 191 13.95 -1.32 -32.58
N ILE A 192 14.02 -2.64 -32.65
CA ILE A 192 12.94 -3.52 -32.20
C ILE A 192 13.53 -4.48 -31.17
N TRP A 193 12.91 -4.54 -30.00
CA TRP A 193 13.35 -5.39 -28.91
C TRP A 193 12.45 -6.62 -28.78
N ASN A 194 13.01 -7.68 -28.20
CA ASN A 194 12.28 -8.90 -27.92
C ASN A 194 12.71 -9.38 -26.54
N SER A 195 11.83 -9.17 -25.55
CA SER A 195 12.07 -9.58 -24.16
C SER A 195 13.35 -8.94 -23.61
N GLY A 196 13.46 -7.63 -23.79
CA GLY A 196 14.58 -6.87 -23.28
C GLY A 196 15.85 -6.97 -24.09
N LEU A 197 15.83 -7.64 -25.24
CA LEU A 197 17.01 -7.84 -26.06
C LEU A 197 16.81 -7.14 -27.40
N LEU A 198 17.72 -6.22 -27.73
CA LEU A 198 17.70 -5.55 -29.02
C LEU A 198 18.11 -6.53 -30.11
N GLU A 199 17.25 -6.74 -31.10
CA GLU A 199 17.50 -7.70 -32.16
C GLU A 199 17.47 -7.11 -33.56
N LYS A 200 16.86 -5.94 -33.76
CA LYS A 200 16.76 -5.31 -35.07
C LYS A 200 17.05 -3.83 -34.95
N VAL A 201 17.88 -3.30 -35.84
CA VAL A 201 18.19 -1.88 -35.89
C VAL A 201 17.74 -1.33 -37.22
N ILE A 202 17.16 -0.13 -37.20
CA ILE A 202 16.66 0.51 -38.41
C ILE A 202 17.51 1.72 -38.77
#